data_4ZDF
#
_entry.id   4ZDF
#
_cell.length_a   118.121
_cell.length_b   118.121
_cell.length_c   87.417
_cell.angle_alpha   90.00
_cell.angle_beta   90.00
_cell.angle_gamma   120.00
#
_symmetry.space_group_name_H-M   'P 3 2 1'
#
loop_
_entity.id
_entity.type
_entity.pdbx_description
1 polymer '3,2-trans-enoyl-CoA isomerase'
2 non-polymer GLYCEROL
3 water water
#
_entity_poly.entity_id   1
_entity_poly.type   'polypeptide(L)'
_entity_poly.pdbx_seq_one_letter_code
;MGSSHHHHHHSSGLVPRGSHMSQEIRQNEKISYRIEGPFFIIHLINPDNLNALEGEDYIYLGELLELADRNRDVYFTIIQ
SSGRFFSSGADFKGIAKAQGDDTNKYPSETSKWVSNFVARNVYVTDAFIKHSKVLICCLNGPAIGLSAALVALCDIVYSI
NDKVYLLYPFANLGLITEGGTTVSLPLKFGTNTTYECLMFNKPFKYDIM(CME)ENGFISKNFNMPSSNAEAFNAKVLEE
LREKVKGLYLPSCLGMKKLLKSNHIDAFNKANSVEVNESLKYWVDGEPLKRF
;
_entity_poly.pdbx_strand_id   A,B
#
loop_
_chem_comp.id
_chem_comp.type
_chem_comp.name
_chem_comp.formula
GOL non-polymer GLYCEROL 'C3 H8 O3'
#
# COMPACT_ATOMS: atom_id res chain seq x y z
N GLU A 24 -13.84 -4.42 -21.93
CA GLU A 24 -12.58 -4.59 -22.73
C GLU A 24 -11.33 -4.26 -21.88
N ILE A 25 -10.22 -4.71 -22.40
CA ILE A 25 -8.92 -4.61 -21.77
C ILE A 25 -7.93 -4.92 -22.88
N ARG A 26 -6.71 -4.39 -22.74
N ARG A 26 -6.71 -4.40 -22.76
CA ARG A 26 -5.63 -4.70 -23.67
CA ARG A 26 -5.65 -4.73 -23.71
C ARG A 26 -5.34 -6.20 -23.69
C ARG A 26 -5.38 -6.22 -23.70
N GLN A 27 -4.76 -6.68 -24.79
CA GLN A 27 -4.33 -8.06 -24.91
C GLN A 27 -2.96 -8.19 -24.24
N ASN A 28 -2.67 -9.37 -23.72
CA ASN A 28 -1.38 -9.65 -23.12
C ASN A 28 -1.02 -10.99 -23.62
N GLU A 29 0.12 -11.09 -24.30
N GLU A 29 0.13 -11.09 -24.29
CA GLU A 29 0.52 -12.36 -24.90
CA GLU A 29 0.54 -12.36 -24.91
C GLU A 29 0.84 -13.45 -23.88
C GLU A 29 0.84 -13.45 -23.88
N LYS A 30 1.07 -13.08 -22.63
CA LYS A 30 1.43 -14.07 -21.58
C LYS A 30 0.25 -14.55 -20.74
N ILE A 31 -0.85 -13.83 -20.80
CA ILE A 31 -2.03 -14.14 -19.99
C ILE A 31 -3.31 -13.93 -20.77
N SER A 32 -4.12 -14.97 -20.92
CA SER A 32 -5.40 -14.83 -21.60
C SER A 32 -6.52 -14.96 -20.58
N TYR A 33 -7.73 -14.62 -21.00
CA TYR A 33 -8.92 -14.87 -20.23
C TYR A 33 -10.12 -15.16 -21.12
N ARG A 34 -11.13 -15.75 -20.55
CA ARG A 34 -12.41 -15.99 -21.20
C ARG A 34 -13.46 -16.23 -20.14
N ILE A 35 -14.72 -16.14 -20.51
CA ILE A 35 -15.85 -16.40 -19.62
C ILE A 35 -16.69 -17.55 -20.17
N GLU A 36 -16.97 -18.54 -19.33
CA GLU A 36 -17.82 -19.69 -19.68
C GLU A 36 -18.88 -19.78 -18.61
N GLY A 37 -20.07 -19.27 -18.88
CA GLY A 37 -21.17 -19.34 -17.93
C GLY A 37 -20.81 -18.53 -16.68
N PRO A 38 -20.88 -19.17 -15.48
CA PRO A 38 -20.50 -18.44 -14.25
C PRO A 38 -18.99 -18.40 -13.94
N PHE A 39 -18.15 -18.89 -14.83
CA PHE A 39 -16.71 -19.00 -14.62
C PHE A 39 -15.94 -17.99 -15.43
N PHE A 40 -15.12 -17.17 -14.75
CA PHE A 40 -14.18 -16.30 -15.38
C PHE A 40 -12.83 -17.00 -15.29
N ILE A 41 -12.27 -17.33 -16.45
CA ILE A 41 -11.07 -18.16 -16.50
C ILE A 41 -9.85 -17.39 -16.97
N ILE A 42 -8.82 -17.37 -16.13
CA ILE A 42 -7.55 -16.69 -16.42
C ILE A 42 -6.53 -17.76 -16.70
N HIS A 43 -5.74 -17.60 -17.76
CA HIS A 43 -4.80 -18.62 -18.17
C HIS A 43 -3.41 -18.03 -18.42
N LEU A 44 -2.43 -18.51 -17.65
CA LEU A 44 -1.04 -18.12 -17.82
C LEU A 44 -0.52 -19.00 -18.98
N ILE A 45 -0.10 -18.38 -20.06
CA ILE A 45 0.17 -19.11 -21.33
C ILE A 45 1.59 -18.85 -21.87
N ASN A 46 2.58 -18.94 -20.99
CA ASN A 46 3.99 -18.75 -21.35
C ASN A 46 4.84 -19.84 -20.76
N PRO A 47 4.55 -21.10 -21.14
CA PRO A 47 5.23 -22.22 -20.51
C PRO A 47 6.72 -22.31 -20.79
N ASP A 48 7.18 -21.73 -21.90
CA ASP A 48 8.60 -21.79 -22.26
C ASP A 48 9.46 -21.00 -21.31
N ASN A 49 8.88 -19.96 -20.67
N ASN A 49 8.86 -19.99 -20.67
CA ASN A 49 9.58 -19.21 -19.62
CA ASN A 49 9.56 -19.24 -19.66
C ASN A 49 9.03 -19.51 -18.21
C ASN A 49 9.00 -19.49 -18.23
N LEU A 50 8.42 -20.68 -18.04
CA LEU A 50 7.88 -21.13 -16.76
C LEU A 50 6.89 -20.13 -16.17
N ASN A 51 6.21 -19.39 -17.04
CA ASN A 51 5.23 -18.40 -16.66
C ASN A 51 5.75 -17.41 -15.62
N ALA A 52 7.03 -17.03 -15.75
CA ALA A 52 7.60 -15.94 -14.99
C ALA A 52 6.90 -14.67 -15.39
N LEU A 53 6.62 -13.80 -14.42
CA LEU A 53 5.78 -12.63 -14.65
C LEU A 53 6.54 -11.36 -14.37
N GLU A 54 6.43 -10.39 -15.25
CA GLU A 54 7.02 -9.05 -14.99
C GLU A 54 6.01 -8.21 -14.24
N GLY A 55 6.48 -7.07 -13.75
CA GLY A 55 5.64 -6.18 -12.98
C GLY A 55 4.34 -5.84 -13.67
N GLU A 56 4.42 -5.46 -14.95
CA GLU A 56 3.19 -5.14 -15.70
C GLU A 56 2.24 -6.32 -15.87
N ASP A 57 2.74 -7.55 -15.79
CA ASP A 57 1.87 -8.74 -15.85
C ASP A 57 1.09 -8.96 -14.54
N TYR A 58 1.73 -8.68 -13.41
CA TYR A 58 1.02 -8.70 -12.13
C TYR A 58 -0.07 -7.65 -12.10
N ILE A 59 0.20 -6.45 -12.63
CA ILE A 59 -0.81 -5.44 -12.73
C ILE A 59 -1.96 -5.90 -13.63
N TYR A 60 -1.62 -6.54 -14.74
CA TYR A 60 -2.63 -7.05 -15.66
C TYR A 60 -3.50 -8.13 -14.97
N LEU A 61 -2.90 -8.99 -14.16
CA LEU A 61 -3.68 -9.90 -13.37
C LEU A 61 -4.70 -9.21 -12.48
N GLY A 62 -4.27 -8.15 -11.79
CA GLY A 62 -5.19 -7.33 -11.00
C GLY A 62 -6.33 -6.73 -11.81
N GLU A 63 -6.01 -6.30 -13.02
CA GLU A 63 -7.04 -5.73 -13.88
C GLU A 63 -8.04 -6.78 -14.34
N LEU A 64 -7.57 -8.00 -14.57
CA LEU A 64 -8.48 -9.11 -14.93
C LEU A 64 -9.38 -9.46 -13.74
N LEU A 65 -8.81 -9.51 -12.54
CA LEU A 65 -9.65 -9.71 -11.35
C LEU A 65 -10.71 -8.63 -11.23
N GLU A 66 -10.38 -7.39 -11.58
CA GLU A 66 -11.37 -6.32 -11.50
C GLU A 66 -12.53 -6.54 -12.48
N LEU A 67 -12.21 -7.00 -13.68
CA LEU A 67 -13.22 -7.37 -14.71
C LEU A 67 -14.16 -8.46 -14.20
N ALA A 68 -13.58 -9.51 -13.64
CA ALA A 68 -14.37 -10.60 -13.07
C ALA A 68 -15.22 -10.15 -11.91
N ASP A 69 -14.66 -9.26 -11.09
CA ASP A 69 -15.33 -8.82 -9.88
C ASP A 69 -16.57 -7.98 -10.21
N ARG A 70 -16.50 -7.21 -11.29
CA ARG A 70 -17.61 -6.34 -11.72
C ARG A 70 -18.65 -7.03 -12.61
N ASN A 71 -18.37 -8.26 -13.05
CA ASN A 71 -19.25 -8.93 -13.97
C ASN A 71 -20.30 -9.71 -13.20
N ARG A 72 -21.56 -9.26 -13.27
CA ARG A 72 -22.65 -9.85 -12.48
C ARG A 72 -22.98 -11.30 -12.82
N ASP A 73 -22.58 -11.79 -13.98
CA ASP A 73 -22.79 -13.19 -14.34
C ASP A 73 -21.68 -14.10 -13.82
N VAL A 74 -20.60 -13.54 -13.30
CA VAL A 74 -19.45 -14.35 -12.83
C VAL A 74 -19.56 -14.65 -11.34
N TYR A 75 -19.41 -15.92 -10.98
CA TYR A 75 -19.43 -16.35 -9.58
C TYR A 75 -18.09 -16.94 -9.15
N PHE A 76 -17.30 -17.44 -10.09
CA PHE A 76 -16.01 -18.09 -9.79
C PHE A 76 -14.97 -17.54 -10.72
N THR A 77 -13.80 -17.22 -10.17
CA THR A 77 -12.64 -16.80 -10.93
C THR A 77 -11.60 -17.91 -10.82
N ILE A 78 -11.25 -18.52 -11.97
CA ILE A 78 -10.37 -19.70 -11.99
C ILE A 78 -9.05 -19.33 -12.63
N ILE A 79 -7.95 -19.55 -11.91
CA ILE A 79 -6.66 -19.25 -12.40
C ILE A 79 -5.98 -20.56 -12.78
N GLN A 80 -5.60 -20.66 -14.06
CA GLN A 80 -4.96 -21.84 -14.64
C GLN A 80 -3.64 -21.47 -15.30
N SER A 81 -2.72 -22.40 -15.44
CA SER A 81 -1.46 -22.09 -16.04
C SER A 81 -1.12 -23.21 -17.08
N SER A 82 0.14 -23.35 -17.40
CA SER A 82 0.54 -24.13 -18.59
C SER A 82 1.93 -24.69 -18.37
N GLY A 83 2.20 -25.85 -18.98
CA GLY A 83 3.51 -26.45 -18.89
C GLY A 83 3.81 -27.02 -17.50
N ARG A 84 5.09 -27.03 -17.14
CA ARG A 84 5.58 -27.75 -15.95
C ARG A 84 5.52 -26.93 -14.65
N PHE A 85 5.51 -25.61 -14.76
CA PHE A 85 5.40 -24.72 -13.61
C PHE A 85 4.06 -23.99 -13.66
N PHE A 86 3.46 -23.78 -12.47
CA PHE A 86 2.42 -22.79 -12.40
C PHE A 86 3.01 -21.43 -12.69
N SER A 87 4.08 -21.06 -11.99
CA SER A 87 4.79 -19.81 -12.26
C SER A 87 6.07 -19.79 -11.46
N SER A 88 7.19 -19.47 -12.12
CA SER A 88 8.46 -19.40 -11.42
C SER A 88 8.62 -18.05 -10.68
N GLY A 89 7.60 -17.22 -10.66
CA GLY A 89 7.63 -16.00 -9.85
C GLY A 89 8.00 -14.78 -10.68
N ALA A 90 8.51 -13.75 -10.03
CA ALA A 90 8.79 -12.48 -10.70
C ALA A 90 9.93 -12.68 -11.70
N ASP A 91 9.81 -12.06 -12.86
CA ASP A 91 10.78 -12.21 -13.94
C ASP A 91 11.90 -11.21 -13.67
N PHE A 92 13.10 -11.74 -13.42
CA PHE A 92 14.26 -10.94 -13.04
C PHE A 92 14.69 -10.03 -14.19
N LYS A 93 14.76 -10.62 -15.39
CA LYS A 93 15.27 -9.95 -16.61
C LYS A 93 14.75 -8.52 -16.70
N GLY A 94 13.48 -8.33 -16.35
CA GLY A 94 12.87 -7.00 -16.19
C GLY A 94 13.86 -5.83 -16.16
N ILE A 95 14.60 -5.71 -15.05
CA ILE A 95 15.56 -4.60 -14.78
C ILE A 95 15.59 -3.39 -15.76
N ALA A 96 15.92 -3.61 -17.04
CA ALA A 96 15.83 -2.59 -18.12
C ALA A 96 17.09 -1.74 -18.38
N LYS A 97 17.44 -0.81 -17.48
CA LYS A 97 18.68 0.00 -17.64
C LYS A 97 19.17 0.63 -16.33
N LYS A 105 16.09 8.40 -15.08
CA LYS A 105 14.63 8.25 -15.20
C LYS A 105 13.89 8.37 -13.85
N TYR A 106 14.59 8.06 -12.76
CA TYR A 106 14.04 8.22 -11.41
C TYR A 106 15.04 9.04 -10.61
N PRO A 107 14.53 10.01 -9.83
CA PRO A 107 15.46 10.87 -9.11
C PRO A 107 16.20 10.21 -7.96
N SER A 108 15.75 9.03 -7.52
CA SER A 108 16.47 8.25 -6.50
C SER A 108 16.15 6.77 -6.59
N GLU A 109 16.95 5.95 -5.91
CA GLU A 109 16.69 4.54 -5.80
C GLU A 109 15.32 4.31 -5.12
N THR A 110 14.99 5.12 -4.12
CA THR A 110 13.70 4.99 -3.46
C THR A 110 12.56 5.23 -4.43
N SER A 111 12.65 6.29 -5.21
CA SER A 111 11.58 6.61 -6.13
C SER A 111 11.36 5.47 -7.14
N LYS A 112 12.48 4.90 -7.59
CA LYS A 112 12.46 3.79 -8.53
C LYS A 112 11.76 2.57 -7.95
N TRP A 113 12.12 2.19 -6.73
CA TRP A 113 11.52 0.99 -6.12
C TRP A 113 10.07 1.21 -5.67
N VAL A 114 9.72 2.43 -5.30
CA VAL A 114 8.31 2.75 -5.00
C VAL A 114 7.47 2.51 -6.24
N SER A 115 7.95 2.98 -7.38
CA SER A 115 7.23 2.83 -8.62
C SER A 115 7.24 1.43 -9.18
N ASN A 116 8.34 0.72 -9.06
CA ASN A 116 8.43 -0.58 -9.68
C ASN A 116 8.01 -1.74 -8.79
N PHE A 117 8.22 -1.64 -7.50
CA PHE A 117 7.99 -2.77 -6.63
C PHE A 117 6.81 -2.49 -5.71
N VAL A 118 6.88 -1.39 -4.99
CA VAL A 118 5.86 -1.14 -3.97
C VAL A 118 4.47 -1.06 -4.64
N ALA A 119 4.39 -0.27 -5.71
CA ALA A 119 3.12 0.05 -6.35
C ALA A 119 2.43 -1.19 -6.86
N ARG A 120 3.19 -1.97 -7.62
CA ARG A 120 2.70 -3.14 -8.19
C ARG A 120 2.28 -4.20 -7.14
N ASN A 121 3.11 -4.42 -6.14
CA ASN A 121 2.80 -5.44 -5.12
C ASN A 121 1.56 -5.04 -4.35
N VAL A 122 1.44 -3.78 -3.98
CA VAL A 122 0.32 -3.38 -3.13
C VAL A 122 -1.01 -3.51 -3.88
N TYR A 123 -0.96 -3.26 -5.18
CA TYR A 123 -2.13 -3.32 -6.06
C TYR A 123 -2.59 -4.75 -6.33
N VAL A 124 -1.68 -5.62 -6.76
CA VAL A 124 -2.10 -6.98 -7.13
C VAL A 124 -2.48 -7.75 -5.87
N THR A 125 -1.76 -7.53 -4.78
CA THR A 125 -2.12 -8.19 -3.50
C THR A 125 -3.51 -7.75 -3.05
N ASP A 126 -3.81 -6.46 -3.15
CA ASP A 126 -5.14 -5.97 -2.78
C ASP A 126 -6.23 -6.56 -3.68
N ALA A 127 -5.94 -6.69 -4.99
CA ALA A 127 -6.90 -7.27 -5.94
C ALA A 127 -7.32 -8.69 -5.53
N PHE A 128 -6.37 -9.49 -5.09
CA PHE A 128 -6.68 -10.81 -4.52
C PHE A 128 -7.40 -10.78 -3.19
N ILE A 129 -6.92 -9.95 -2.28
CA ILE A 129 -7.54 -9.86 -0.96
C ILE A 129 -9.01 -9.47 -1.04
N LYS A 130 -9.35 -8.47 -1.86
CA LYS A 130 -10.72 -7.95 -1.86
C LYS A 130 -11.70 -8.68 -2.80
N HIS A 131 -11.18 -9.59 -3.64
CA HIS A 131 -11.99 -10.19 -4.73
C HIS A 131 -13.24 -10.81 -4.15
N SER A 132 -14.39 -10.55 -4.76
CA SER A 132 -15.66 -11.01 -4.18
C SER A 132 -16.13 -12.35 -4.77
N LYS A 133 -15.51 -12.80 -5.86
CA LYS A 133 -15.94 -14.05 -6.47
C LYS A 133 -15.07 -15.18 -5.89
N VAL A 134 -15.56 -16.41 -5.98
CA VAL A 134 -14.82 -17.54 -5.44
C VAL A 134 -13.57 -17.79 -6.28
N LEU A 135 -12.40 -17.73 -5.67
CA LEU A 135 -11.13 -17.77 -6.41
C LEU A 135 -10.55 -19.15 -6.30
N ILE A 136 -10.35 -19.80 -7.46
CA ILE A 136 -9.89 -21.16 -7.50
C ILE A 136 -8.60 -21.23 -8.28
N CYS A 137 -7.60 -21.89 -7.72
CA CYS A 137 -6.33 -22.05 -8.37
C CYS A 137 -6.12 -23.49 -8.78
N CYS A 138 -5.74 -23.65 -10.06
CA CYS A 138 -5.40 -24.94 -10.63
C CYS A 138 -3.89 -25.05 -10.72
N LEU A 139 -3.32 -25.77 -9.76
CA LEU A 139 -1.90 -25.82 -9.56
C LEU A 139 -1.32 -26.97 -10.40
N ASN A 140 -0.79 -26.60 -11.55
CA ASN A 140 -0.25 -27.55 -12.55
C ASN A 140 1.20 -27.89 -12.37
N GLY A 141 1.83 -27.36 -11.34
CA GLY A 141 3.25 -27.49 -11.10
C GLY A 141 3.63 -26.51 -9.99
N PRO A 142 4.91 -26.38 -9.72
CA PRO A 142 5.38 -25.48 -8.68
C PRO A 142 5.06 -24.01 -8.90
N ALA A 143 4.93 -23.29 -7.78
CA ALA A 143 4.83 -21.85 -7.81
C ALA A 143 5.87 -21.28 -6.87
N ILE A 144 6.45 -20.17 -7.25
CA ILE A 144 7.53 -19.54 -6.53
C ILE A 144 7.24 -18.10 -6.25
N GLY A 145 7.67 -17.61 -5.08
CA GLY A 145 7.72 -16.15 -4.86
C GLY A 145 6.36 -15.46 -4.83
N LEU A 146 6.24 -14.29 -5.43
CA LEU A 146 4.97 -13.56 -5.49
C LEU A 146 3.85 -14.42 -6.09
N SER A 147 4.17 -15.23 -7.11
CA SER A 147 3.15 -16.10 -7.70
C SER A 147 2.63 -17.11 -6.69
N ALA A 148 3.52 -17.70 -5.89
CA ALA A 148 3.14 -18.61 -4.86
C ALA A 148 2.35 -17.89 -3.75
N ALA A 149 2.62 -16.61 -3.53
CA ALA A 149 1.80 -15.84 -2.57
C ALA A 149 0.36 -15.76 -3.06
N LEU A 150 0.18 -15.51 -4.36
CA LEU A 150 -1.13 -15.38 -4.91
C LEU A 150 -1.88 -16.69 -4.82
N VAL A 151 -1.20 -17.80 -5.01
CA VAL A 151 -1.81 -19.12 -4.83
C VAL A 151 -2.38 -19.25 -3.38
N ALA A 152 -1.61 -18.80 -2.40
CA ALA A 152 -2.03 -18.88 -0.99
C ALA A 152 -3.19 -17.95 -0.65
N LEU A 153 -3.48 -16.97 -1.51
CA LEU A 153 -4.62 -16.08 -1.35
C LEU A 153 -5.90 -16.63 -1.99
N CYS A 154 -5.78 -17.66 -2.81
CA CYS A 154 -6.98 -18.27 -3.40
C CYS A 154 -7.86 -18.99 -2.34
N ASP A 155 -9.14 -19.13 -2.64
CA ASP A 155 -10.07 -19.78 -1.71
C ASP A 155 -9.97 -21.31 -1.76
N ILE A 156 -9.68 -21.85 -2.95
CA ILE A 156 -9.65 -23.29 -3.18
C ILE A 156 -8.51 -23.58 -4.13
N VAL A 157 -7.78 -24.64 -3.87
CA VAL A 157 -6.64 -25.04 -4.69
C VAL A 157 -6.78 -26.51 -5.06
N TYR A 158 -6.63 -26.80 -6.35
CA TYR A 158 -6.59 -28.18 -6.87
C TYR A 158 -5.22 -28.46 -7.46
N SER A 159 -4.68 -29.67 -7.25
CA SER A 159 -3.37 -30.02 -7.76
C SER A 159 -3.41 -31.04 -8.89
N ILE A 160 -2.46 -30.92 -9.80
CA ILE A 160 -2.33 -31.87 -10.92
C ILE A 160 -1.87 -33.24 -10.42
N ASN A 161 -0.89 -33.23 -9.53
CA ASN A 161 -0.36 -34.45 -8.93
C ASN A 161 0.42 -34.10 -7.67
N ASP A 162 1.07 -35.10 -7.09
CA ASP A 162 1.78 -34.90 -5.82
C ASP A 162 3.16 -34.33 -5.91
N LYS A 163 3.58 -33.82 -7.05
CA LYS A 163 4.89 -33.23 -7.20
C LYS A 163 4.89 -31.73 -7.11
N VAL A 164 3.71 -31.14 -6.99
CA VAL A 164 3.63 -29.70 -6.79
C VAL A 164 4.27 -29.26 -5.47
N TYR A 165 4.75 -28.02 -5.45
CA TYR A 165 5.19 -27.39 -4.23
C TYR A 165 5.09 -25.87 -4.35
N LEU A 166 5.17 -25.19 -3.20
CA LEU A 166 5.26 -23.75 -3.17
C LEU A 166 6.60 -23.36 -2.54
N LEU A 167 7.32 -22.42 -3.13
CA LEU A 167 8.57 -21.98 -2.55
C LEU A 167 8.56 -20.45 -2.42
N TYR A 168 8.96 -20.00 -1.25
CA TYR A 168 9.06 -18.61 -0.93
C TYR A 168 10.50 -18.35 -0.57
N PRO A 169 11.34 -17.99 -1.57
CA PRO A 169 12.79 -17.94 -1.40
C PRO A 169 13.31 -16.59 -0.86
N PHE A 170 12.52 -15.90 -0.03
CA PHE A 170 12.86 -14.57 0.45
C PHE A 170 14.21 -14.51 1.18
N ALA A 171 14.52 -15.49 2.02
CA ALA A 171 15.75 -15.43 2.79
C ALA A 171 16.99 -15.59 1.89
N ASN A 172 16.87 -16.36 0.83
CA ASN A 172 17.97 -16.52 -0.15
C ASN A 172 18.12 -15.31 -1.06
N LEU A 173 17.02 -14.61 -1.32
CA LEU A 173 17.03 -13.40 -2.15
C LEU A 173 17.29 -12.12 -1.41
N GLY A 174 17.31 -12.15 -0.10
CA GLY A 174 17.54 -10.93 0.69
C GLY A 174 16.33 -10.03 0.71
N LEU A 175 15.15 -10.65 0.76
CA LEU A 175 13.88 -9.93 0.81
C LEU A 175 13.08 -10.40 2.04
N ILE A 176 11.84 -9.94 2.16
CA ILE A 176 10.96 -10.39 3.21
C ILE A 176 9.62 -10.92 2.64
N THR A 177 8.63 -11.12 3.49
CA THR A 177 7.36 -11.67 3.04
C THR A 177 6.67 -10.69 2.07
N GLU A 178 6.00 -11.25 1.07
CA GLU A 178 5.27 -10.50 0.06
C GLU A 178 3.93 -11.12 -0.20
N GLY A 179 3.06 -10.34 -0.81
CA GLY A 179 1.74 -10.80 -1.23
C GLY A 179 0.87 -11.38 -0.16
N GLY A 180 0.96 -10.84 1.05
CA GLY A 180 0.13 -11.26 2.15
C GLY A 180 0.54 -12.54 2.84
N THR A 181 1.69 -13.08 2.47
CA THR A 181 2.21 -14.30 3.07
C THR A 181 2.45 -14.21 4.55
N THR A 182 2.69 -13.00 5.04
CA THR A 182 2.78 -12.78 6.48
C THR A 182 1.59 -13.36 7.23
N VAL A 183 0.40 -13.24 6.63
CA VAL A 183 -0.85 -13.74 7.21
C VAL A 183 -1.22 -15.11 6.66
N SER A 184 -1.12 -15.30 5.34
CA SER A 184 -1.67 -16.50 4.70
C SER A 184 -0.90 -17.75 5.08
N LEU A 185 0.41 -17.67 5.21
CA LEU A 185 1.18 -18.88 5.46
C LEU A 185 0.93 -19.44 6.90
N PRO A 186 1.01 -18.60 7.91
CA PRO A 186 0.65 -19.16 9.21
C PRO A 186 -0.80 -19.61 9.29
N LEU A 187 -1.69 -18.88 8.61
CA LEU A 187 -3.13 -19.24 8.62
C LEU A 187 -3.36 -20.61 7.99
N LYS A 188 -2.69 -20.88 6.85
CA LYS A 188 -3.00 -22.08 6.09
C LYS A 188 -2.04 -23.26 6.33
N PHE A 189 -0.86 -22.99 6.89
CA PHE A 189 0.13 -24.05 7.13
C PHE A 189 0.54 -24.20 8.59
N GLY A 190 0.11 -23.29 9.45
CA GLY A 190 0.56 -23.27 10.82
C GLY A 190 1.82 -22.42 11.03
N THR A 191 1.95 -21.87 12.23
N THR A 191 1.95 -21.89 12.23
CA THR A 191 3.06 -20.96 12.52
CA THR A 191 3.06 -20.98 12.52
C THR A 191 4.44 -21.65 12.51
C THR A 191 4.43 -21.66 12.50
N ASN A 192 4.56 -22.78 13.20
CA ASN A 192 5.86 -23.44 13.32
C ASN A 192 6.39 -23.93 11.96
N THR A 193 5.51 -24.53 11.17
CA THR A 193 5.86 -24.91 9.81
C THR A 193 6.31 -23.74 8.96
N THR A 194 5.58 -22.62 9.06
CA THR A 194 5.91 -21.41 8.32
C THR A 194 7.32 -20.91 8.66
N TYR A 195 7.68 -20.89 9.93
CA TYR A 195 9.01 -20.48 10.31
C TYR A 195 10.09 -21.40 9.72
N GLU A 196 9.90 -22.71 9.81
CA GLU A 196 10.92 -23.62 9.29
C GLU A 196 11.09 -23.37 7.80
N CYS A 197 10.00 -23.24 7.06
CA CYS A 197 10.08 -23.02 5.60
C CYS A 197 10.66 -21.66 5.23
N LEU A 198 10.20 -20.58 5.87
CA LEU A 198 10.62 -19.27 5.47
C LEU A 198 12.01 -18.97 5.95
N MET A 199 12.32 -19.31 7.20
CA MET A 199 13.62 -18.90 7.76
C MET A 199 14.75 -19.60 6.98
N PHE A 200 14.50 -20.82 6.54
CA PHE A 200 15.56 -21.66 5.90
C PHE A 200 15.39 -21.88 4.41
N ASN A 201 14.49 -21.13 3.77
N ASN A 201 14.48 -21.13 3.76
CA ASN A 201 14.26 -21.26 2.32
CA ASN A 201 14.28 -21.24 2.32
C ASN A 201 13.96 -22.67 1.89
C ASN A 201 13.96 -22.67 1.89
N LYS A 202 13.01 -23.31 2.57
CA LYS A 202 12.55 -24.63 2.23
C LYS A 202 11.13 -24.60 1.64
N PRO A 203 10.85 -25.53 0.71
CA PRO A 203 9.54 -25.57 0.08
C PRO A 203 8.42 -26.07 0.99
N PHE A 204 7.21 -25.58 0.74
CA PHE A 204 6.01 -26.20 1.24
C PHE A 204 5.65 -27.26 0.23
N LYS A 205 6.01 -28.49 0.54
CA LYS A 205 5.81 -29.60 -0.36
C LYS A 205 4.41 -30.14 -0.28
N TYR A 206 4.11 -31.02 -1.24
CA TYR A 206 2.79 -31.64 -1.30
C TYR A 206 2.31 -32.24 0.01
N ASP A 207 3.15 -32.98 0.71
CA ASP A 207 2.71 -33.63 1.96
C ASP A 207 2.25 -32.60 3.03
N ILE A 208 2.99 -31.49 3.15
CA ILE A 208 2.62 -30.36 4.03
C ILE A 208 1.29 -29.72 3.58
N MET A 209 1.12 -29.55 2.27
CA MET A 209 -0.13 -29.02 1.73
C MET A 209 -1.29 -29.93 2.07
N CME A 210 -1.11 -31.21 1.83
CA CME A 210 -2.12 -32.21 2.17
CB CME A 210 -1.58 -33.58 1.81
SG CME A 210 -2.05 -33.78 0.13
SD CME A 210 -3.88 -34.49 0.61
CE CME A 210 -4.80 -33.71 -0.70
CZ CME A 210 -6.29 -33.90 -0.47
OH CME A 210 -6.78 -34.98 -1.29
C CME A 210 -2.48 -32.29 3.63
O CME A 210 -3.65 -32.26 3.97
N GLU A 211 -1.49 -32.36 4.50
CA GLU A 211 -1.69 -32.42 5.94
C GLU A 211 -2.40 -31.18 6.53
N ASN A 212 -2.41 -30.07 5.81
CA ASN A 212 -3.08 -28.88 6.27
C ASN A 212 -4.35 -28.57 5.52
N GLY A 213 -4.76 -29.51 4.65
CA GLY A 213 -5.94 -29.33 3.83
C GLY A 213 -5.86 -28.16 2.85
N PHE A 214 -4.66 -27.79 2.45
CA PHE A 214 -4.46 -26.68 1.50
C PHE A 214 -5.00 -27.02 0.10
N ILE A 215 -4.80 -28.28 -0.30
CA ILE A 215 -5.28 -28.83 -1.58
C ILE A 215 -6.57 -29.57 -1.35
N SER A 216 -7.62 -29.17 -2.05
CA SER A 216 -8.94 -29.76 -1.93
C SER A 216 -9.09 -31.03 -2.77
N LYS A 217 -8.40 -31.11 -3.87
CA LYS A 217 -8.36 -32.37 -4.64
C LYS A 217 -7.09 -32.46 -5.45
N ASN A 218 -6.47 -33.64 -5.39
CA ASN A 218 -5.34 -34.00 -6.22
C ASN A 218 -5.84 -34.85 -7.39
N PHE A 219 -5.55 -34.44 -8.61
CA PHE A 219 -6.13 -35.08 -9.78
C PHE A 219 -5.32 -36.27 -10.26
N ASN A 220 -4.10 -36.39 -9.75
CA ASN A 220 -3.16 -37.48 -10.03
C ASN A 220 -2.96 -37.76 -11.52
N MET A 221 -2.59 -36.71 -12.25
CA MET A 221 -2.37 -36.79 -13.68
C MET A 221 -0.90 -36.57 -13.97
N PRO A 222 -0.41 -37.03 -15.14
CA PRO A 222 1.00 -36.83 -15.44
C PRO A 222 1.38 -35.35 -15.53
N SER A 223 2.62 -35.02 -15.13
CA SER A 223 3.07 -33.64 -15.06
C SER A 223 3.10 -32.91 -16.40
N SER A 224 3.11 -33.65 -17.53
CA SER A 224 3.07 -33.03 -18.86
C SER A 224 1.65 -32.60 -19.29
N ASN A 225 0.65 -32.92 -18.48
CA ASN A 225 -0.72 -32.89 -18.92
C ASN A 225 -1.51 -31.68 -18.36
N ALA A 226 -0.89 -30.49 -18.29
CA ALA A 226 -1.60 -29.34 -17.72
C ALA A 226 -2.89 -29.04 -18.43
N GLU A 227 -2.88 -29.16 -19.76
CA GLU A 227 -4.06 -28.88 -20.53
C GLU A 227 -5.25 -29.77 -20.20
N ALA A 228 -4.99 -31.07 -20.10
CA ALA A 228 -6.04 -32.01 -19.71
C ALA A 228 -6.50 -31.81 -18.27
N PHE A 229 -5.54 -31.58 -17.40
CA PHE A 229 -5.83 -31.20 -15.99
C PHE A 229 -6.79 -30.01 -15.90
N ASN A 230 -6.46 -28.92 -16.58
CA ASN A 230 -7.29 -27.73 -16.61
C ASN A 230 -8.70 -27.96 -17.09
N ALA A 231 -8.84 -28.77 -18.16
CA ALA A 231 -10.15 -29.11 -18.67
C ALA A 231 -10.92 -29.96 -17.68
N LYS A 232 -10.24 -30.88 -17.01
CA LYS A 232 -10.91 -31.78 -16.08
C LYS A 232 -11.44 -31.02 -14.87
N VAL A 233 -10.66 -30.06 -14.39
CA VAL A 233 -11.14 -29.24 -13.29
C VAL A 233 -12.40 -28.51 -13.67
N LEU A 234 -12.42 -27.88 -14.84
CA LEU A 234 -13.61 -27.15 -15.28
C LEU A 234 -14.83 -28.07 -15.50
N GLU A 235 -14.59 -29.27 -16.03
CA GLU A 235 -15.66 -30.28 -16.15
C GLU A 235 -16.28 -30.64 -14.80
N GLU A 236 -15.46 -30.93 -13.80
CA GLU A 236 -15.96 -31.22 -12.46
C GLU A 236 -16.65 -30.03 -11.83
N LEU A 237 -16.14 -28.82 -12.06
CA LEU A 237 -16.80 -27.63 -11.53
C LEU A 237 -18.21 -27.45 -12.13
N ARG A 238 -18.35 -27.71 -13.41
CA ARG A 238 -19.66 -27.62 -14.07
C ARG A 238 -20.67 -28.55 -13.42
N GLU A 239 -20.22 -29.72 -13.04
CA GLU A 239 -21.06 -30.69 -12.35
C GLU A 239 -21.38 -30.24 -10.93
N LYS A 240 -20.37 -29.71 -10.23
CA LYS A 240 -20.53 -29.39 -8.82
C LYS A 240 -21.45 -28.23 -8.57
N VAL A 241 -21.57 -27.31 -9.51
CA VAL A 241 -22.44 -26.17 -9.31
C VAL A 241 -23.89 -26.43 -9.65
N LYS A 242 -24.21 -27.57 -10.27
CA LYS A 242 -25.61 -27.87 -10.56
C LYS A 242 -26.49 -27.90 -9.34
N GLY A 243 -27.59 -27.17 -9.42
CA GLY A 243 -28.56 -27.17 -8.34
C GLY A 243 -28.24 -26.20 -7.20
N LEU A 244 -27.08 -25.52 -7.23
CA LEU A 244 -26.74 -24.57 -6.14
C LEU A 244 -27.31 -23.23 -6.46
N TYR A 245 -27.62 -22.47 -5.42
CA TYR A 245 -27.99 -21.08 -5.58
C TYR A 245 -26.72 -20.25 -5.50
N LEU A 246 -26.23 -19.81 -6.63
CA LEU A 246 -24.89 -19.21 -6.67
C LEU A 246 -24.73 -17.92 -5.90
N PRO A 247 -25.78 -17.08 -5.78
CA PRO A 247 -25.65 -15.96 -4.88
C PRO A 247 -25.35 -16.32 -3.40
N SER A 248 -25.76 -17.50 -2.95
CA SER A 248 -25.36 -18.00 -1.62
C SER A 248 -23.86 -18.17 -1.50
N CYS A 249 -23.23 -18.67 -2.55
CA CYS A 249 -21.77 -18.82 -2.57
C CYS A 249 -21.11 -17.47 -2.31
N LEU A 250 -21.58 -16.43 -3.01
CA LEU A 250 -21.01 -15.12 -2.82
C LEU A 250 -21.33 -14.49 -1.46
N GLY A 251 -22.54 -14.71 -0.96
CA GLY A 251 -22.95 -14.19 0.34
C GLY A 251 -22.12 -14.85 1.43
N MET A 252 -21.88 -16.16 1.31
CA MET A 252 -21.04 -16.85 2.31
C MET A 252 -19.58 -16.36 2.23
N LYS A 253 -19.05 -16.17 1.02
CA LYS A 253 -17.69 -15.68 0.89
C LYS A 253 -17.55 -14.30 1.53
N LYS A 254 -18.52 -13.43 1.31
CA LYS A 254 -18.50 -12.10 1.89
C LYS A 254 -18.35 -12.14 3.43
N LEU A 255 -19.07 -13.06 4.06
CA LEU A 255 -18.92 -13.25 5.51
C LEU A 255 -17.60 -13.90 5.91
N LEU A 256 -17.22 -14.96 5.22
CA LEU A 256 -15.96 -15.64 5.54
C LEU A 256 -14.74 -14.72 5.41
N LYS A 257 -14.75 -13.86 4.38
CA LYS A 257 -13.63 -12.93 4.11
C LYS A 257 -13.47 -11.99 5.31
N SER A 258 -14.56 -11.65 5.99
CA SER A 258 -14.47 -10.73 7.12
C SER A 258 -13.65 -11.27 8.30
N ASN A 259 -13.34 -12.58 8.37
CA ASN A 259 -12.54 -13.09 9.44
C ASN A 259 -11.10 -12.49 9.44
N HIS A 260 -10.48 -12.36 8.28
CA HIS A 260 -9.09 -11.96 8.20
C HIS A 260 -8.82 -10.74 7.33
N ILE A 261 -9.86 -10.08 6.85
CA ILE A 261 -9.67 -9.02 5.88
C ILE A 261 -8.80 -7.89 6.48
N ASP A 262 -9.06 -7.52 7.74
CA ASP A 262 -8.29 -6.45 8.36
C ASP A 262 -6.78 -6.83 8.45
N ALA A 263 -6.51 -8.05 8.86
CA ALA A 263 -5.15 -8.54 8.99
C ALA A 263 -4.43 -8.52 7.64
N PHE A 264 -5.13 -8.91 6.58
CA PHE A 264 -4.54 -8.91 5.24
C PHE A 264 -4.27 -7.48 4.77
N ASN A 265 -5.22 -6.56 4.98
CA ASN A 265 -5.01 -5.21 4.51
C ASN A 265 -3.82 -4.52 5.26
N LYS A 266 -3.74 -4.74 6.56
CA LYS A 266 -2.61 -4.23 7.38
C LYS A 266 -1.28 -4.81 6.90
N ALA A 267 -1.24 -6.12 6.70
CA ALA A 267 -0.02 -6.79 6.24
C ALA A 267 0.47 -6.29 4.88
N ASN A 268 -0.48 -6.03 3.97
CA ASN A 268 -0.13 -5.63 2.62
C ASN A 268 0.66 -4.31 2.65
N SER A 269 0.14 -3.34 3.34
CA SER A 269 0.79 -2.03 3.48
C SER A 269 2.16 -2.14 4.12
N VAL A 270 2.23 -2.91 5.18
CA VAL A 270 3.49 -3.03 5.92
C VAL A 270 4.54 -3.80 5.11
N GLU A 271 4.12 -4.88 4.47
CA GLU A 271 5.03 -5.71 3.67
C GLU A 271 5.70 -4.88 2.55
N VAL A 272 4.92 -4.13 1.79
CA VAL A 272 5.46 -3.43 0.65
C VAL A 272 6.41 -2.33 1.10
N ASN A 273 6.07 -1.64 2.20
CA ASN A 273 6.89 -0.54 2.69
C ASN A 273 8.15 -1.01 3.40
N GLU A 274 8.06 -2.13 4.11
CA GLU A 274 9.24 -2.69 4.76
C GLU A 274 10.23 -3.36 3.78
N SER A 275 9.79 -3.78 2.61
CA SER A 275 10.68 -4.37 1.61
C SER A 275 11.64 -3.34 1.02
N LEU A 276 11.25 -2.08 1.02
CA LEU A 276 12.01 -1.03 0.35
C LEU A 276 13.43 -0.96 0.85
N LYS A 277 13.65 -1.04 2.16
CA LYS A 277 15.03 -1.01 2.65
C LYS A 277 15.89 -2.16 2.12
N TYR A 278 15.27 -3.30 1.81
CA TYR A 278 16.01 -4.44 1.28
C TYR A 278 16.40 -4.14 -0.17
N TRP A 279 15.49 -3.54 -0.96
CA TRP A 279 15.81 -3.16 -2.34
C TRP A 279 16.82 -2.01 -2.44
N VAL A 280 16.64 -1.01 -1.59
CA VAL A 280 17.45 0.20 -1.63
C VAL A 280 18.85 -0.08 -1.10
N ASP A 281 18.96 -0.87 -0.03
CA ASP A 281 20.24 -1.45 0.39
C ASP A 281 21.01 -2.12 -0.76
N GLY A 282 20.29 -2.81 -1.66
CA GLY A 282 20.88 -3.39 -2.89
C GLY A 282 21.07 -4.90 -2.84
N GLU A 283 20.88 -5.48 -1.65
CA GLU A 283 21.16 -6.91 -1.46
C GLU A 283 20.47 -7.89 -2.47
N PRO A 284 19.17 -7.67 -2.80
CA PRO A 284 18.44 -8.53 -3.77
C PRO A 284 19.00 -8.50 -5.19
N LEU A 285 19.53 -7.34 -5.58
CA LEU A 285 20.16 -7.16 -6.90
C LEU A 285 21.39 -8.08 -7.02
N LYS A 286 22.18 -8.15 -5.94
CA LYS A 286 23.27 -9.14 -5.80
C LYS A 286 22.87 -10.63 -5.90
N ARG A 287 21.60 -10.95 -5.64
CA ARG A 287 21.20 -12.35 -5.49
C ARG A 287 20.23 -12.68 -6.63
N GLU B 24 24.15 12.09 1.36
CA GLU B 24 23.02 11.53 2.14
C GLU B 24 21.74 11.42 1.33
N ILE B 25 21.43 12.45 0.54
CA ILE B 25 20.19 12.50 -0.23
C ILE B 25 20.34 13.60 -1.30
N ARG B 26 19.65 13.47 -2.42
CA ARG B 26 19.64 14.55 -3.42
C ARG B 26 19.08 15.85 -2.85
N GLN B 27 19.38 16.96 -3.52
CA GLN B 27 18.80 18.26 -3.22
C GLN B 27 17.44 18.36 -3.86
N ASN B 28 16.60 19.19 -3.26
CA ASN B 28 15.28 19.49 -3.80
C ASN B 28 15.08 20.96 -3.57
N GLU B 29 14.83 21.70 -4.65
N GLU B 29 14.84 21.71 -4.64
CA GLU B 29 14.70 23.16 -4.58
CA GLU B 29 14.73 23.16 -4.53
C GLU B 29 13.48 23.61 -3.79
C GLU B 29 13.48 23.61 -3.79
N LYS B 30 12.50 22.72 -3.62
CA LYS B 30 11.24 23.07 -2.92
C LYS B 30 11.22 22.69 -1.41
N ILE B 31 12.14 21.83 -0.99
CA ILE B 31 12.18 21.32 0.36
C ILE B 31 13.59 21.20 0.83
N SER B 32 13.91 21.88 1.92
CA SER B 32 15.26 21.77 2.52
C SER B 32 15.15 21.04 3.84
N TYR B 33 16.29 20.62 4.36
CA TYR B 33 16.34 20.09 5.71
C TYR B 33 17.64 20.43 6.39
N ARG B 34 17.64 20.40 7.70
N ARG B 34 17.62 20.43 7.71
CA ARG B 34 18.85 20.58 8.50
CA ARG B 34 18.84 20.55 8.49
C ARG B 34 18.63 19.94 9.84
C ARG B 34 18.62 20.01 9.88
N ILE B 35 19.71 19.66 10.55
CA ILE B 35 19.66 19.12 11.89
C ILE B 35 20.26 20.14 12.84
N GLU B 36 19.54 20.45 13.91
CA GLU B 36 20.05 21.30 15.02
C GLU B 36 19.85 20.54 16.31
N GLY B 37 20.92 19.94 16.80
CA GLY B 37 20.84 19.21 18.03
C GLY B 37 19.85 18.07 17.86
N PRO B 38 18.85 17.97 18.75
CA PRO B 38 17.90 16.82 18.66
C PRO B 38 16.77 17.04 17.66
N PHE B 39 16.82 18.14 16.89
CA PHE B 39 15.76 18.50 15.98
C PHE B 39 16.17 18.30 14.54
N PHE B 40 15.38 17.53 13.79
CA PHE B 40 15.51 17.37 12.35
C PHE B 40 14.43 18.25 11.75
N ILE B 41 14.86 19.29 11.04
CA ILE B 41 13.95 20.33 10.60
C ILE B 41 13.78 20.28 9.08
N ILE B 42 12.54 20.07 8.65
CA ILE B 42 12.19 19.99 7.25
C ILE B 42 11.50 21.29 6.94
N HIS B 43 11.88 21.94 5.83
CA HIS B 43 11.34 23.28 5.51
C HIS B 43 10.85 23.33 4.08
N LEU B 44 9.55 23.56 3.93
CA LEU B 44 8.94 23.73 2.62
C LEU B 44 9.22 25.20 2.22
N ILE B 45 9.91 25.37 1.11
CA ILE B 45 10.50 26.70 0.75
C ILE B 45 10.10 27.16 -0.66
N ASN B 46 8.81 27.06 -0.98
CA ASN B 46 8.29 27.46 -2.28
C ASN B 46 7.02 28.29 -2.10
N PRO B 47 7.13 29.40 -1.36
CA PRO B 47 5.95 30.18 -1.01
C PRO B 47 5.24 30.83 -2.18
N ASP B 48 5.94 31.04 -3.30
CA ASP B 48 5.35 31.66 -4.50
C ASP B 48 4.30 30.75 -5.14
N ASN B 49 4.44 29.42 -4.98
N ASN B 49 4.43 29.44 -4.94
CA ASN B 49 3.43 28.46 -5.45
CA ASN B 49 3.49 28.48 -5.45
C ASN B 49 2.64 27.82 -4.30
C ASN B 49 2.67 27.82 -4.32
N LEU B 50 2.57 28.52 -3.17
CA LEU B 50 1.83 28.08 -1.97
C LEU B 50 2.30 26.72 -1.45
N ASN B 51 3.57 26.39 -1.74
CA ASN B 51 4.14 25.11 -1.39
C ASN B 51 3.31 23.88 -1.84
N ALA B 52 2.72 23.98 -3.03
CA ALA B 52 2.10 22.85 -3.70
C ALA B 52 3.17 21.85 -4.01
N LEU B 53 2.85 20.57 -3.84
CA LEU B 53 3.84 19.52 -3.95
C LEU B 53 3.48 18.56 -5.08
N GLU B 54 4.46 18.19 -5.88
CA GLU B 54 4.26 17.13 -6.88
C GLU B 54 4.52 15.77 -6.26
N GLY B 55 4.16 14.74 -7.00
CA GLY B 55 4.34 13.38 -6.54
C GLY B 55 5.75 13.08 -6.06
N GLU B 56 6.75 13.44 -6.87
CA GLU B 56 8.15 13.23 -6.44
C GLU B 56 8.57 14.04 -5.19
N ASP B 57 7.88 15.13 -4.89
CA ASP B 57 8.14 15.87 -3.65
C ASP B 57 7.59 15.14 -2.40
N TYR B 58 6.41 14.52 -2.53
CA TYR B 58 5.88 13.69 -1.43
C TYR B 58 6.81 12.50 -1.18
N ILE B 59 7.35 11.91 -2.25
CA ILE B 59 8.34 10.86 -2.10
C ILE B 59 9.60 11.32 -1.39
N TYR B 60 10.04 12.52 -1.77
CA TYR B 60 11.17 13.16 -1.11
C TYR B 60 10.90 13.41 0.37
N LEU B 61 9.71 13.86 0.71
CA LEU B 61 9.35 13.98 2.13
C LEU B 61 9.46 12.65 2.91
N GLY B 62 8.97 11.57 2.33
CA GLY B 62 9.17 10.24 2.92
C GLY B 62 10.62 9.86 3.09
N GLU B 63 11.46 10.22 2.12
CA GLU B 63 12.87 9.93 2.22
C GLU B 63 13.53 10.72 3.34
N LEU B 64 13.10 11.97 3.52
CA LEU B 64 13.61 12.78 4.63
C LEU B 64 13.18 12.21 5.97
N LEU B 65 11.92 11.78 6.08
CA LEU B 65 11.49 11.14 7.32
C LEU B 65 12.31 9.89 7.60
N GLU B 66 12.70 9.15 6.56
CA GLU B 66 13.53 7.96 6.79
C GLU B 66 14.90 8.32 7.34
N LEU B 67 15.48 9.39 6.83
CA LEU B 67 16.76 9.94 7.33
C LEU B 67 16.65 10.31 8.81
N ALA B 68 15.62 11.06 9.16
CA ALA B 68 15.40 11.46 10.55
C ALA B 68 15.19 10.26 11.44
N ASP B 69 14.45 9.26 10.92
CA ASP B 69 14.08 8.10 11.70
C ASP B 69 15.30 7.26 12.06
N ARG B 70 16.25 7.19 11.16
CA ARG B 70 17.45 6.40 11.34
C ARG B 70 18.57 7.16 12.08
N ASN B 71 18.39 8.44 12.28
CA ASN B 71 19.50 9.25 12.87
C ASN B 71 19.41 9.19 14.37
N ARG B 72 20.38 8.54 14.99
CA ARG B 72 20.34 8.31 16.44
C ARG B 72 20.37 9.59 17.33
N ASP B 73 20.82 10.70 16.76
CA ASP B 73 20.83 11.99 17.50
C ASP B 73 19.54 12.76 17.42
N VAL B 74 18.62 12.34 16.54
CA VAL B 74 17.37 13.03 16.34
C VAL B 74 16.25 12.47 17.23
N TYR B 75 15.54 13.34 17.92
CA TYR B 75 14.40 12.98 18.75
C TYR B 75 13.10 13.60 18.27
N PHE B 76 13.18 14.72 17.57
CA PHE B 76 12.03 15.44 17.06
C PHE B 76 12.24 15.74 15.58
N THR B 77 11.19 15.49 14.79
CA THR B 77 11.15 15.88 13.39
C THR B 77 10.13 17.03 13.29
N ILE B 78 10.61 18.20 12.84
CA ILE B 78 9.80 19.39 12.80
C ILE B 78 9.57 19.77 11.36
N ILE B 79 8.31 19.90 10.98
CA ILE B 79 7.97 20.28 9.64
C ILE B 79 7.45 21.73 9.64
N GLN B 80 8.16 22.56 8.88
CA GLN B 80 7.92 24.01 8.81
C GLN B 80 7.70 24.41 7.34
N SER B 81 6.99 25.51 7.11
CA SER B 81 6.77 25.94 5.76
C SER B 81 7.07 27.48 5.65
N SER B 82 6.49 28.13 4.67
CA SER B 82 6.90 29.48 4.26
C SER B 82 5.71 30.19 3.64
N GLY B 83 5.67 31.51 3.81
CA GLY B 83 4.65 32.33 3.19
C GLY B 83 3.29 32.18 3.85
N ARG B 84 2.23 32.29 3.06
CA ARG B 84 0.87 32.39 3.55
C ARG B 84 0.16 31.03 3.72
N PHE B 85 0.60 30.02 2.98
CA PHE B 85 0.06 28.66 3.09
C PHE B 85 1.11 27.73 3.67
N PHE B 86 0.65 26.76 4.47
CA PHE B 86 1.50 25.63 4.77
C PHE B 86 1.73 24.84 3.50
N SER B 87 0.64 24.47 2.82
CA SER B 87 0.76 23.80 1.54
C SER B 87 -0.62 23.68 0.91
N SER B 88 -0.73 24.10 -0.36
CA SER B 88 -2.02 24.01 -1.06
C SER B 88 -2.27 22.59 -1.60
N GLY B 89 -1.43 21.61 -1.25
CA GLY B 89 -1.74 20.19 -1.55
C GLY B 89 -1.00 19.72 -2.80
N ALA B 90 -1.53 18.71 -3.45
CA ALA B 90 -0.88 18.13 -4.61
C ALA B 90 -0.90 19.13 -5.77
N ASP B 91 0.21 19.23 -6.49
CA ASP B 91 0.35 20.18 -7.58
C ASP B 91 -0.24 19.53 -8.84
N PHE B 92 -1.33 20.12 -9.33
CA PHE B 92 -2.11 19.52 -10.40
C PHE B 92 -1.54 19.72 -11.79
N LYS B 93 -0.62 20.68 -11.95
CA LYS B 93 0.27 20.66 -13.11
C LYS B 93 1.01 19.31 -13.22
N GLY B 94 1.58 18.84 -12.13
CA GLY B 94 2.28 17.56 -12.11
C GLY B 94 1.32 16.41 -11.98
N LYS B 105 4.00 5.44 -22.44
CA LYS B 105 4.81 5.07 -21.27
C LYS B 105 4.10 4.10 -20.28
N TYR B 106 2.77 3.99 -20.33
CA TYR B 106 2.03 3.02 -19.49
C TYR B 106 1.03 2.26 -20.33
N PRO B 107 0.99 0.93 -20.16
CA PRO B 107 0.12 0.13 -21.01
C PRO B 107 -1.38 0.31 -20.74
N SER B 108 -1.75 0.90 -19.61
CA SER B 108 -3.16 1.18 -19.33
C SER B 108 -3.29 2.32 -18.35
N GLU B 109 -4.52 2.81 -18.21
CA GLU B 109 -4.84 3.82 -17.22
C GLU B 109 -4.58 3.29 -15.79
N THR B 110 -4.90 2.02 -15.54
CA THR B 110 -4.62 1.42 -14.24
C THR B 110 -3.16 1.41 -13.95
N SER B 111 -2.34 0.99 -14.90
CA SER B 111 -0.91 0.95 -14.68
C SER B 111 -0.34 2.32 -14.36
N LYS B 112 -0.85 3.33 -15.06
CA LYS B 112 -0.44 4.71 -14.88
C LYS B 112 -0.76 5.19 -13.45
N TRP B 113 -1.98 4.93 -13.01
CA TRP B 113 -2.39 5.42 -11.70
C TRP B 113 -1.78 4.64 -10.55
N VAL B 114 -1.48 3.37 -10.78
CA VAL B 114 -0.70 2.58 -9.79
C VAL B 114 0.66 3.21 -9.57
N SER B 115 1.32 3.58 -10.67
CA SER B 115 2.64 4.20 -10.59
C SER B 115 2.63 5.64 -10.12
N ASN B 116 1.65 6.43 -10.46
CA ASN B 116 1.68 7.84 -10.13
C ASN B 116 0.93 8.22 -8.85
N PHE B 117 -0.16 7.52 -8.54
CA PHE B 117 -0.94 7.89 -7.38
C PHE B 117 -0.78 6.88 -6.27
N VAL B 118 -0.99 5.61 -6.58
CA VAL B 118 -1.01 4.59 -5.52
C VAL B 118 0.35 4.54 -4.83
N ALA B 119 1.40 4.47 -5.63
CA ALA B 119 2.76 4.22 -5.15
C ALA B 119 3.21 5.31 -4.22
N ARG B 120 3.05 6.51 -4.69
CA ARG B 120 3.43 7.64 -3.94
C ARG B 120 2.61 7.86 -2.63
N ASN B 121 1.28 7.74 -2.71
CA ASN B 121 0.46 7.92 -1.53
C ASN B 121 0.78 6.85 -0.49
N VAL B 122 0.93 5.60 -0.90
CA VAL B 122 1.09 4.54 0.13
C VAL B 122 2.41 4.73 0.86
N TYR B 123 3.41 5.17 0.11
CA TYR B 123 4.79 5.32 0.65
C TYR B 123 4.90 6.50 1.60
N VAL B 124 4.43 7.69 1.21
CA VAL B 124 4.57 8.85 2.09
C VAL B 124 3.66 8.70 3.31
N THR B 125 2.46 8.16 3.12
CA THR B 125 1.56 7.96 4.27
C THR B 125 2.22 6.98 5.26
N ASP B 126 2.79 5.90 4.76
CA ASP B 126 3.44 4.91 5.64
C ASP B 126 4.63 5.54 6.41
N ALA B 127 5.40 6.39 5.72
CA ALA B 127 6.53 7.08 6.33
C ALA B 127 6.04 7.88 7.56
N PHE B 128 4.92 8.57 7.46
CA PHE B 128 4.37 9.30 8.58
C PHE B 128 3.84 8.37 9.67
N ILE B 129 3.07 7.37 9.26
CA ILE B 129 2.47 6.44 10.23
C ILE B 129 3.52 5.79 11.10
N LYS B 130 4.60 5.32 10.51
CA LYS B 130 5.57 4.50 11.24
C LYS B 130 6.66 5.31 11.95
N HIS B 131 6.73 6.60 11.68
CA HIS B 131 7.88 7.43 12.13
C HIS B 131 8.04 7.34 13.66
N SER B 132 9.26 7.09 14.11
CA SER B 132 9.51 6.83 15.53
C SER B 132 9.90 8.08 16.31
N LYS B 133 10.20 9.19 15.62
CA LYS B 133 10.56 10.42 16.32
C LYS B 133 9.32 11.28 16.50
N VAL B 134 9.35 12.20 17.46
CA VAL B 134 8.18 13.05 17.73
C VAL B 134 7.98 14.04 16.57
N LEU B 135 6.81 14.00 15.93
CA LEU B 135 6.58 14.75 14.71
C LEU B 135 5.78 15.98 15.04
N ILE B 136 6.36 17.16 14.74
CA ILE B 136 5.73 18.41 15.10
C ILE B 136 5.52 19.25 13.84
N CYS B 137 4.31 19.76 13.67
CA CYS B 137 4.00 20.56 12.52
C CYS B 137 3.81 22.01 12.94
N CYS B 138 4.50 22.89 12.22
CA CYS B 138 4.38 24.35 12.42
C CYS B 138 3.50 24.89 11.33
N LEU B 139 2.25 25.11 11.68
CA LEU B 139 1.21 25.42 10.73
C LEU B 139 1.18 26.96 10.54
N ASN B 140 1.84 27.39 9.47
CA ASN B 140 1.97 28.85 9.17
C ASN B 140 0.82 29.45 8.35
N GLY B 141 -0.17 28.63 8.03
CA GLY B 141 -1.25 29.01 7.13
C GLY B 141 -2.01 27.73 6.77
N PRO B 142 -2.96 27.83 5.84
CA PRO B 142 -3.80 26.67 5.53
C PRO B 142 -3.04 25.50 4.93
N ALA B 143 -3.63 24.30 5.07
CA ALA B 143 -3.17 23.12 4.36
C ALA B 143 -4.37 22.46 3.70
N ILE B 144 -4.14 21.91 2.52
CA ILE B 144 -5.17 21.32 1.69
C ILE B 144 -4.77 19.91 1.26
N GLY B 145 -5.76 19.03 1.17
CA GLY B 145 -5.59 17.75 0.52
C GLY B 145 -4.56 16.85 1.19
N LEU B 146 -3.72 16.19 0.40
CA LEU B 146 -2.74 15.24 0.97
C LEU B 146 -1.83 15.93 1.98
N SER B 147 -1.49 17.21 1.75
CA SER B 147 -0.66 17.93 2.73
C SER B 147 -1.35 18.11 4.05
N ALA B 148 -2.63 18.43 4.02
CA ALA B 148 -3.42 18.52 5.21
C ALA B 148 -3.59 17.13 5.88
N ALA B 149 -3.60 16.05 5.11
CA ALA B 149 -3.62 14.68 5.72
C ALA B 149 -2.34 14.47 6.53
N LEU B 150 -1.22 14.91 5.99
CA LEU B 150 0.07 14.73 6.70
C LEU B 150 0.12 15.54 7.98
N VAL B 151 -0.45 16.75 7.97
CA VAL B 151 -0.59 17.54 9.19
C VAL B 151 -1.39 16.76 10.28
N ALA B 152 -2.47 16.09 9.87
CA ALA B 152 -3.28 15.30 10.82
C ALA B 152 -2.58 14.05 11.33
N LEU B 153 -1.47 13.65 10.69
CA LEU B 153 -0.65 12.52 11.15
C LEU B 153 0.44 12.93 12.11
N CYS B 154 0.71 14.24 12.22
CA CYS B 154 1.71 14.73 13.17
C CYS B 154 1.27 14.54 14.64
N ASP B 155 2.23 14.43 15.54
CA ASP B 155 1.93 14.22 16.94
C ASP B 155 1.49 15.51 17.65
N ILE B 156 2.06 16.63 17.22
CA ILE B 156 1.80 17.95 17.84
C ILE B 156 1.76 18.99 16.72
N VAL B 157 0.82 19.93 16.82
CA VAL B 157 0.63 20.98 15.84
C VAL B 157 0.58 22.36 16.55
N TYR B 158 1.40 23.29 16.07
CA TYR B 158 1.39 24.67 16.57
C TYR B 158 0.93 25.58 15.44
N SER B 159 0.07 26.55 15.75
CA SER B 159 -0.43 27.47 14.73
C SER B 159 0.18 28.88 14.84
N ILE B 160 0.35 29.51 13.68
CA ILE B 160 0.86 30.90 13.63
C ILE B 160 -0.18 31.89 14.21
N ASN B 161 -1.43 31.70 13.81
CA ASN B 161 -2.54 32.52 14.28
C ASN B 161 -3.86 31.80 14.02
N ASP B 162 -4.97 32.45 14.33
CA ASP B 162 -6.28 31.84 14.23
C ASP B 162 -6.89 31.84 12.84
N LYS B 163 -6.10 32.13 11.80
CA LYS B 163 -6.58 32.10 10.42
C LYS B 163 -6.30 30.78 9.73
N VAL B 164 -5.56 29.90 10.37
CA VAL B 164 -5.29 28.59 9.78
C VAL B 164 -6.54 27.73 9.63
N TYR B 165 -6.54 26.85 8.62
CA TYR B 165 -7.56 25.82 8.47
C TYR B 165 -7.01 24.64 7.71
N LEU B 166 -7.72 23.51 7.77
CA LEU B 166 -7.40 22.33 6.99
C LEU B 166 -8.56 22.02 6.08
N LEU B 167 -8.30 21.78 4.82
CA LEU B 167 -9.37 21.47 3.87
C LEU B 167 -9.07 20.19 3.17
N TYR B 168 -10.08 19.32 3.15
CA TYR B 168 -9.99 18.03 2.48
C TYR B 168 -11.07 18.02 1.42
N PRO B 169 -10.73 18.45 0.20
CA PRO B 169 -11.75 18.73 -0.84
C PRO B 169 -12.09 17.50 -1.70
N PHE B 170 -12.09 16.32 -1.08
CA PHE B 170 -12.30 15.08 -1.84
C PHE B 170 -13.63 15.01 -2.55
N ALA B 171 -14.70 15.45 -1.90
CA ALA B 171 -16.05 15.37 -2.52
C ALA B 171 -16.19 16.29 -3.74
N ASN B 172 -15.50 17.42 -3.73
CA ASN B 172 -15.50 18.38 -4.85
C ASN B 172 -14.59 17.90 -5.99
N LEU B 173 -13.54 17.17 -5.65
CA LEU B 173 -12.61 16.62 -6.65
C LEU B 173 -13.01 15.27 -7.22
N GLY B 174 -14.00 14.60 -6.64
CA GLY B 174 -14.39 13.26 -7.10
C GLY B 174 -13.39 12.18 -6.65
N LEU B 175 -12.89 12.35 -5.42
CA LEU B 175 -11.93 11.41 -4.83
C LEU B 175 -12.45 10.90 -3.50
N ILE B 176 -11.63 10.14 -2.79
CA ILE B 176 -12.03 9.72 -1.43
C ILE B 176 -10.95 10.07 -0.43
N THR B 177 -11.03 9.52 0.78
CA THR B 177 -10.06 9.89 1.82
C THR B 177 -8.67 9.44 1.40
N GLU B 178 -7.66 10.21 1.79
CA GLU B 178 -6.27 9.87 1.53
C GLU B 178 -5.41 10.19 2.72
N GLY B 179 -4.21 9.64 2.68
CA GLY B 179 -3.23 9.90 3.72
C GLY B 179 -3.63 9.58 5.13
N GLY B 180 -4.44 8.52 5.28
CA GLY B 180 -4.83 8.06 6.60
C GLY B 180 -5.95 8.86 7.26
N THR B 181 -6.55 9.79 6.49
CA THR B 181 -7.63 10.62 7.03
C THR B 181 -8.86 9.84 7.44
N THR B 182 -9.04 8.67 6.83
CA THR B 182 -10.10 7.75 7.25
C THR B 182 -10.08 7.54 8.76
N VAL B 183 -8.88 7.44 9.33
CA VAL B 183 -8.65 7.20 10.74
C VAL B 183 -8.39 8.49 11.52
N SER B 184 -7.49 9.34 11.00
CA SER B 184 -7.04 10.49 11.76
C SER B 184 -8.17 11.53 12.01
N LEU B 185 -9.04 11.77 11.04
CA LEU B 185 -10.03 12.84 11.21
C LEU B 185 -11.07 12.51 12.27
N PRO B 186 -11.68 11.30 12.20
CA PRO B 186 -12.56 10.98 13.31
C PRO B 186 -11.84 10.92 14.68
N LEU B 187 -10.63 10.40 14.69
CA LEU B 187 -9.85 10.32 15.92
C LEU B 187 -9.60 11.68 16.54
N LYS B 188 -9.24 12.67 15.73
CA LYS B 188 -8.81 13.98 16.25
C LYS B 188 -9.89 15.04 16.22
N PHE B 189 -10.95 14.85 15.44
CA PHE B 189 -12.03 15.87 15.37
C PHE B 189 -13.40 15.34 15.72
N GLY B 190 -13.53 14.03 15.95
CA GLY B 190 -14.84 13.45 16.19
C GLY B 190 -15.51 13.00 14.91
N THR B 191 -16.34 11.96 15.03
N THR B 191 -16.34 11.94 14.99
CA THR B 191 -16.98 11.39 13.86
CA THR B 191 -16.93 11.39 13.77
C THR B 191 -18.01 12.30 13.18
C THR B 191 -18.01 12.31 13.16
N ASN B 192 -18.91 12.87 13.97
CA ASN B 192 -19.99 13.74 13.39
C ASN B 192 -19.42 14.98 12.69
N THR B 193 -18.48 15.65 13.33
CA THR B 193 -17.75 16.75 12.71
C THR B 193 -17.06 16.35 11.40
N THR B 194 -16.38 15.20 11.41
CA THR B 194 -15.70 14.70 10.22
C THR B 194 -16.67 14.48 9.04
N TYR B 195 -17.84 13.89 9.31
CA TYR B 195 -18.83 13.74 8.25
C TYR B 195 -19.31 15.09 7.69
N GLU B 196 -19.62 16.05 8.53
CA GLU B 196 -20.08 17.37 8.05
C GLU B 196 -19.01 17.99 7.15
N CYS B 197 -17.75 17.97 7.60
CA CYS B 197 -16.65 18.53 6.80
C CYS B 197 -16.33 17.78 5.50
N LEU B 198 -16.25 16.44 5.55
CA LEU B 198 -15.89 15.67 4.39
C LEU B 198 -17.03 15.53 3.40
N MET B 199 -18.25 15.27 3.87
CA MET B 199 -19.35 15.02 2.96
C MET B 199 -19.67 16.31 2.16
N PHE B 200 -19.49 17.46 2.78
CA PHE B 200 -19.89 18.75 2.18
C PHE B 200 -18.74 19.67 1.80
N ASN B 201 -17.52 19.14 1.79
CA ASN B 201 -16.35 19.91 1.39
C ASN B 201 -16.21 21.23 2.17
N LYS B 202 -16.30 21.13 3.47
CA LYS B 202 -16.11 22.26 4.36
C LYS B 202 -14.80 22.13 5.13
N PRO B 203 -14.18 23.28 5.41
CA PRO B 203 -12.92 23.29 6.16
C PRO B 203 -13.03 22.97 7.64
N PHE B 204 -12.00 22.33 8.17
CA PHE B 204 -11.79 22.24 9.59
C PHE B 204 -11.10 23.55 9.97
N LYS B 205 -11.88 24.48 10.48
CA LYS B 205 -11.39 25.80 10.82
C LYS B 205 -10.73 25.82 12.17
N TYR B 206 -10.07 26.93 12.43
CA TYR B 206 -9.40 27.14 13.71
C TYR B 206 -10.24 26.83 14.95
N ASP B 207 -11.48 27.29 15.01
N ASP B 207 -11.50 27.26 14.98
CA ASP B 207 -12.31 27.04 16.19
CA ASP B 207 -12.37 27.03 16.14
C ASP B 207 -12.55 25.54 16.45
C ASP B 207 -12.55 25.54 16.44
N ILE B 208 -12.78 24.78 15.38
CA ILE B 208 -12.94 23.31 15.45
C ILE B 208 -11.61 22.67 15.91
N MET B 209 -10.48 23.16 15.40
CA MET B 209 -9.18 22.65 15.82
C MET B 209 -8.96 22.91 17.29
N CME B 210 -9.24 24.13 17.72
CA CME B 210 -9.15 24.46 19.13
CB CME B 210 -9.56 25.93 19.28
SG CME B 210 -8.08 26.83 19.03
SD CME B 210 -7.52 26.64 20.96
CE CME B 210 -5.79 26.43 20.70
CZ CME B 210 -5.13 26.03 22.02
OH CME B 210 -4.52 27.17 22.63
C CME B 210 -10.02 23.67 20.05
O CME B 210 -9.56 23.18 21.07
N GLU B 211 -11.29 23.58 19.71
CA GLU B 211 -12.26 22.83 20.53
C GLU B 211 -11.93 21.33 20.68
N ASN B 212 -11.12 20.80 19.78
CA ASN B 212 -10.75 19.38 19.86
C ASN B 212 -9.34 19.19 20.35
N GLY B 213 -8.67 20.29 20.72
CA GLY B 213 -7.29 20.24 21.16
C GLY B 213 -6.30 19.79 20.09
N PHE B 214 -6.63 19.99 18.82
CA PHE B 214 -5.72 19.65 17.72
C PHE B 214 -4.44 20.52 17.74
N ILE B 215 -4.62 21.80 18.05
CA ILE B 215 -3.51 22.77 18.15
C ILE B 215 -3.09 22.87 19.59
N SER B 216 -1.84 22.62 19.86
CA SER B 216 -1.34 22.68 21.22
C SER B 216 -1.00 24.13 21.65
N LYS B 217 -0.60 24.97 20.71
CA LYS B 217 -0.39 26.39 21.02
C LYS B 217 -0.59 27.23 19.78
N ASN B 218 -1.34 28.33 19.94
CA ASN B 218 -1.48 29.37 18.93
C ASN B 218 -0.52 30.53 19.28
N PHE B 219 0.34 30.89 18.35
CA PHE B 219 1.40 31.85 18.65
C PHE B 219 0.93 33.30 18.42
N ASN B 220 -0.21 33.47 17.78
CA ASN B 220 -0.83 34.75 17.53
C ASN B 220 0.11 35.79 16.92
N MET B 221 0.74 35.41 15.82
CA MET B 221 1.68 36.23 15.12
C MET B 221 1.15 36.59 13.73
N PRO B 222 1.64 37.70 13.15
CA PRO B 222 1.14 38.08 11.82
C PRO B 222 1.51 37.08 10.71
N SER B 223 0.61 36.89 9.75
CA SER B 223 0.81 35.94 8.66
C SER B 223 1.92 36.34 7.70
N SER B 224 2.35 37.60 7.73
CA SER B 224 3.40 38.11 6.86
C SER B 224 4.80 37.65 7.28
N ASN B 225 4.92 36.93 8.39
CA ASN B 225 6.24 36.48 8.85
C ASN B 225 6.26 35.06 9.45
N ALA B 226 6.10 34.09 8.56
CA ALA B 226 6.28 32.66 8.89
C ALA B 226 7.70 32.39 9.43
N GLU B 227 8.70 33.12 8.93
CA GLU B 227 10.10 32.91 9.37
C GLU B 227 10.23 33.16 10.86
N ALA B 228 9.64 34.23 11.37
CA ALA B 228 9.71 34.53 12.81
C ALA B 228 8.96 33.48 13.64
N PHE B 229 7.77 33.12 13.16
CA PHE B 229 6.97 32.03 13.76
C PHE B 229 7.82 30.76 13.91
N ASN B 230 8.42 30.33 12.81
CA ASN B 230 9.27 29.16 12.79
C ASN B 230 10.38 29.21 13.78
N ALA B 231 11.05 30.38 13.88
CA ALA B 231 12.12 30.54 14.84
C ALA B 231 11.61 30.54 16.28
N LYS B 232 10.46 31.12 16.51
CA LYS B 232 9.89 31.19 17.86
C LYS B 232 9.51 29.78 18.35
N VAL B 233 8.94 28.96 17.46
CA VAL B 233 8.59 27.60 17.85
C VAL B 233 9.83 26.86 18.28
N LEU B 234 10.90 26.95 17.51
CA LEU B 234 12.13 26.24 17.85
C LEU B 234 12.73 26.74 19.17
N GLU B 235 12.65 28.05 19.40
CA GLU B 235 13.11 28.63 20.66
C GLU B 235 12.36 28.05 21.86
N GLU B 236 11.04 28.01 21.76
CA GLU B 236 10.24 27.41 22.83
C GLU B 236 10.47 25.91 23.00
N LEU B 237 10.70 25.19 21.91
CA LEU B 237 11.04 23.76 22.00
C LEU B 237 12.35 23.54 22.74
N ARG B 238 13.33 24.37 22.44
CA ARG B 238 14.60 24.30 23.15
C ARG B 238 14.43 24.43 24.66
N GLU B 239 13.57 25.34 25.08
CA GLU B 239 13.30 25.57 26.49
C GLU B 239 12.60 24.36 27.09
N LYS B 240 11.60 23.84 26.35
CA LYS B 240 10.73 22.80 26.89
C LYS B 240 11.48 21.48 27.09
N VAL B 241 12.50 21.22 26.28
CA VAL B 241 13.22 19.94 26.43
C VAL B 241 14.28 19.96 27.53
N LYS B 242 14.60 21.13 28.07
CA LYS B 242 15.62 21.18 29.13
C LYS B 242 15.27 20.30 30.32
N GLY B 243 16.21 19.45 30.73
CA GLY B 243 16.01 18.61 31.90
C GLY B 243 15.29 17.29 31.61
N LEU B 244 14.81 17.08 30.40
CA LEU B 244 14.10 15.84 30.04
C LEU B 244 15.05 14.76 29.58
N TYR B 245 14.69 13.50 29.85
CA TYR B 245 15.40 12.38 29.30
C TYR B 245 14.76 12.07 27.96
N LEU B 246 15.42 12.46 26.88
CA LEU B 246 14.78 12.35 25.55
C LEU B 246 14.45 10.91 25.11
N PRO B 247 15.26 9.91 25.48
CA PRO B 247 14.81 8.55 25.15
C PRO B 247 13.44 8.17 25.73
N SER B 248 13.03 8.77 26.85
CA SER B 248 11.66 8.57 27.41
C SER B 248 10.62 9.07 26.44
N CYS B 249 10.86 10.19 25.76
CA CYS B 249 9.94 10.69 24.76
C CYS B 249 9.69 9.64 23.69
N LEU B 250 10.78 9.05 23.17
CA LEU B 250 10.64 8.04 22.14
C LEU B 250 10.00 6.74 22.65
N GLY B 251 10.32 6.34 23.88
CA GLY B 251 9.75 5.15 24.50
C GLY B 251 8.27 5.30 24.70
N MET B 252 7.85 6.50 25.13
CA MET B 252 6.42 6.79 25.25
C MET B 252 5.70 6.83 23.90
N LYS B 253 6.31 7.47 22.90
CA LYS B 253 5.70 7.48 21.57
C LYS B 253 5.53 6.05 21.04
N LYS B 254 6.52 5.19 21.26
CA LYS B 254 6.46 3.83 20.75
C LYS B 254 5.21 3.11 21.30
N LEU B 255 4.93 3.29 22.59
CA LEU B 255 3.70 2.74 23.19
C LEU B 255 2.43 3.42 22.73
N LEU B 256 2.42 4.76 22.69
CA LEU B 256 1.23 5.49 22.24
C LEU B 256 0.84 5.14 20.81
N LYS B 257 1.84 4.96 19.94
CA LYS B 257 1.61 4.65 18.53
C LYS B 257 0.86 3.32 18.40
N SER B 258 1.12 2.40 19.32
CA SER B 258 0.45 1.06 19.25
C SER B 258 -1.04 1.12 19.41
N ASN B 259 -1.63 2.22 19.90
CA ASN B 259 -3.08 2.30 20.03
C ASN B 259 -3.79 2.22 18.68
N HIS B 260 -3.25 2.88 17.66
CA HIS B 260 -3.92 2.96 16.35
C HIS B 260 -3.09 2.53 15.16
N ILE B 261 -1.94 1.92 15.37
CA ILE B 261 -1.06 1.60 14.27
C ILE B 261 -1.70 0.62 13.30
N ASP B 262 -2.40 -0.39 13.83
CA ASP B 262 -3.08 -1.37 12.96
C ASP B 262 -4.15 -0.69 12.07
N ALA B 263 -4.94 0.18 12.67
CA ALA B 263 -5.98 0.90 11.96
C ALA B 263 -5.40 1.78 10.86
N PHE B 264 -4.30 2.47 11.15
CA PHE B 264 -3.67 3.30 10.14
C PHE B 264 -3.08 2.48 9.00
N ASN B 265 -2.45 1.36 9.31
CA ASN B 265 -1.88 0.55 8.23
C ASN B 265 -2.95 -0.06 7.31
N LYS B 266 -4.03 -0.54 7.91
N LYS B 266 -4.03 -0.52 7.91
CA LYS B 266 -5.18 -1.06 7.17
CA LYS B 266 -5.15 -1.07 7.17
C LYS B 266 -5.77 0.05 6.29
C LYS B 266 -5.79 0.04 6.30
N ALA B 267 -5.99 1.21 6.88
CA ALA B 267 -6.57 2.34 6.12
C ALA B 267 -5.72 2.76 4.93
N ASN B 268 -4.40 2.75 5.10
CA ASN B 268 -3.49 3.17 4.05
C ASN B 268 -3.66 2.29 2.79
N SER B 269 -3.63 0.95 2.95
CA SER B 269 -3.78 0.02 1.81
C SER B 269 -5.15 0.19 1.17
N VAL B 270 -6.17 0.31 1.98
CA VAL B 270 -7.53 0.36 1.46
C VAL B 270 -7.81 1.70 0.76
N GLU B 271 -7.37 2.80 1.36
CA GLU B 271 -7.54 4.13 0.74
C GLU B 271 -6.89 4.20 -0.66
N VAL B 272 -5.64 3.80 -0.79
CA VAL B 272 -4.94 3.93 -2.05
C VAL B 272 -5.58 3.05 -3.13
N ASN B 273 -5.98 1.84 -2.75
CA ASN B 273 -6.57 0.92 -3.73
C ASN B 273 -7.99 1.28 -4.12
N GLU B 274 -8.77 1.77 -3.16
CA GLU B 274 -10.15 2.17 -3.47
C GLU B 274 -10.23 3.48 -4.28
N SER B 275 -9.20 4.32 -4.22
CA SER B 275 -9.16 5.53 -5.05
C SER B 275 -9.05 5.24 -6.55
N LEU B 276 -8.49 4.09 -6.90
CA LEU B 276 -8.17 3.79 -8.28
C LEU B 276 -9.42 3.91 -9.17
N LYS B 277 -10.56 3.41 -8.74
CA LYS B 277 -11.75 3.53 -9.54
C LYS B 277 -12.18 4.97 -9.80
N TYR B 278 -11.86 5.89 -8.89
CA TYR B 278 -12.14 7.29 -9.05
C TYR B 278 -11.20 7.89 -10.09
N TRP B 279 -9.91 7.53 -10.06
CA TRP B 279 -8.96 8.02 -11.09
C TRP B 279 -9.18 7.39 -12.47
N VAL B 280 -9.45 6.10 -12.52
CA VAL B 280 -9.57 5.36 -13.76
C VAL B 280 -10.92 5.71 -14.43
N ASP B 281 -11.99 5.85 -13.65
CA ASP B 281 -13.22 6.51 -14.16
C ASP B 281 -12.98 7.80 -14.91
N GLY B 282 -12.08 8.62 -14.36
CA GLY B 282 -11.68 9.89 -14.99
C GLY B 282 -12.25 11.12 -14.31
N GLU B 283 -13.18 10.92 -13.37
CA GLU B 283 -13.91 12.03 -12.73
C GLU B 283 -13.02 13.17 -12.12
N PRO B 284 -11.91 12.82 -11.41
CA PRO B 284 -10.96 13.83 -10.87
C PRO B 284 -10.26 14.70 -11.92
N LEU B 285 -9.96 14.11 -13.08
CA LEU B 285 -9.33 14.81 -14.20
C LEU B 285 -10.25 15.93 -14.69
N LYS B 286 -11.54 15.59 -14.79
CA LYS B 286 -12.59 16.55 -15.07
C LYS B 286 -12.82 17.67 -14.03
N ARG B 287 -12.31 17.55 -12.79
CA ARG B 287 -12.60 18.54 -11.73
C ARG B 287 -11.41 19.40 -11.24
C1 GOL C . 9.94 -13.24 -6.45
O1 GOL C . 8.84 -13.86 -7.14
C2 GOL C . 9.46 -12.17 -5.46
O2 GOL C . 10.32 -12.25 -4.32
C3 GOL C . 9.52 -10.74 -6.00
O3 GOL C . 8.23 -10.23 -6.42
#